data_5LWK
#
_entry.id   5LWK
#
_cell.length_a   75.795
_cell.length_b   75.795
_cell.length_c   147.555
_cell.angle_alpha   90.000
_cell.angle_beta   90.000
_cell.angle_gamma   90.000
#
_symmetry.space_group_name_H-M   'I 41'
#
loop_
_entity.id
_entity.type
_entity.pdbx_description
1 polymer 'Transcriptional regulatory protein'
2 non-polymer 'BERYLLIUM TRIFLUORIDE ION'
3 non-polymer 'MAGNESIUM ION'
4 water water
#
_entity_poly.entity_id   1
_entity_poly.type   'polypeptide(L)'
_entity_poly.pdbx_seq_one_letter_code
;MTNILIVEDDPMVQFIHRNYLEKIGTFDTIYSSETIADAKKLLASRSIQLVLLDIRLKDGNGIDFLTDLRRTKQTVDVIL
ITAANEVNIVNDALHLGVIDYLIKPFTLERFEKSIQRYRTKH
;
_entity_poly.pdbx_strand_id   A,B
#
loop_
_chem_comp.id
_chem_comp.type
_chem_comp.name
_chem_comp.formula
BEF non-polymer 'BERYLLIUM TRIFLUORIDE ION' 'Be F3 -1'
MG non-polymer 'MAGNESIUM ION' 'Mg 2'
#
# COMPACT_ATOMS: atom_id res chain seq x y z
N MET A 1 -11.93 10.85 -27.21
CA MET A 1 -10.66 11.47 -27.56
C MET A 1 -9.50 10.82 -26.84
N THR A 2 -9.80 10.12 -25.75
CA THR A 2 -8.77 9.43 -24.96
C THR A 2 -8.91 7.91 -25.02
N ASN A 3 -7.76 7.23 -25.12
CA ASN A 3 -7.69 5.76 -25.22
C ASN A 3 -7.37 5.14 -23.86
N ILE A 4 -7.91 3.95 -23.63
CA ILE A 4 -7.76 3.23 -22.39
C ILE A 4 -7.12 1.86 -22.53
N LEU A 5 -6.30 1.54 -21.55
CA LEU A 5 -5.67 0.25 -21.46
C LEU A 5 -6.15 -0.41 -20.18
N ILE A 6 -6.64 -1.64 -20.26
CA ILE A 6 -7.11 -2.37 -19.10
C ILE A 6 -6.14 -3.49 -18.84
N VAL A 7 -5.48 -3.48 -17.70
CA VAL A 7 -4.56 -4.54 -17.35
C VAL A 7 -5.17 -5.30 -16.20
N GLU A 8 -5.69 -6.46 -16.49
CA GLU A 8 -6.33 -7.28 -15.51
C GLU A 8 -6.32 -8.71 -16.01
N ASP A 9 -5.97 -9.63 -15.15
CA ASP A 9 -5.93 -11.04 -15.49
C ASP A 9 -7.25 -11.79 -15.67
N ASP A 10 -8.24 -11.46 -14.88
CA ASP A 10 -9.54 -12.15 -14.92
C ASP A 10 -10.37 -11.66 -16.13
N PRO A 11 -10.70 -12.56 -17.08
CA PRO A 11 -11.48 -12.15 -18.26
C PRO A 11 -12.88 -11.64 -17.97
N MET A 12 -13.53 -12.16 -16.93
CA MET A 12 -14.83 -11.63 -16.53
C MET A 12 -14.72 -10.19 -16.05
N VAL A 13 -13.66 -9.87 -15.30
CA VAL A 13 -13.44 -8.49 -14.83
C VAL A 13 -13.09 -7.57 -16.00
N GLN A 14 -12.35 -8.11 -16.97
CA GLN A 14 -12.01 -7.34 -18.16
C GLN A 14 -13.33 -6.98 -18.84
N PHE A 15 -14.20 -7.97 -19.01
CA PHE A 15 -15.52 -7.76 -19.61
C PHE A 15 -16.30 -6.63 -18.92
N ILE A 16 -16.29 -6.60 -17.58
CA ILE A 16 -17.01 -5.56 -16.85
C ILE A 16 -16.39 -4.19 -17.05
N HIS A 17 -15.07 -4.08 -16.93
CA HIS A 17 -14.41 -2.79 -17.15
C HIS A 17 -14.79 -2.22 -18.51
N ARG A 18 -14.59 -3.04 -19.54
CA ARG A 18 -15.01 -2.74 -20.92
C ARG A 18 -16.47 -2.29 -20.97
N ASN A 19 -17.34 -3.09 -20.37
CA ASN A 19 -18.77 -2.83 -20.35
C ASN A 19 -19.12 -1.50 -19.67
N TYR A 20 -18.54 -1.26 -18.49
CA TYR A 20 -18.78 -0.02 -17.75
C TYR A 20 -18.23 1.21 -18.45
N LEU A 21 -17.10 1.08 -19.12
CA LEU A 21 -16.53 2.16 -19.91
C LEU A 21 -17.45 2.54 -21.08
N GLU A 22 -18.03 1.54 -21.75
CA GLU A 22 -18.92 1.77 -22.89
C GLU A 22 -20.27 2.38 -22.47
N LYS A 23 -20.76 2.05 -21.28
CA LYS A 23 -21.93 2.72 -20.70
C LYS A 23 -21.68 4.22 -20.55
N ILE A 24 -20.52 4.57 -20.01
CA ILE A 24 -20.07 5.96 -19.93
C ILE A 24 -19.80 6.50 -21.34
N GLY A 25 -19.14 5.68 -22.16
CA GLY A 25 -19.06 5.88 -23.61
C GLY A 25 -18.28 7.06 -24.15
N THR A 26 -17.41 7.66 -23.34
CA THR A 26 -16.69 8.88 -23.74
C THR A 26 -15.23 8.62 -24.19
N PHE A 27 -14.91 7.39 -24.60
CA PHE A 27 -13.53 7.00 -24.92
C PHE A 27 -13.38 6.48 -26.35
N ASP A 28 -12.19 6.64 -26.92
CA ASP A 28 -11.90 6.21 -28.30
C ASP A 28 -11.77 4.70 -28.51
N THR A 29 -10.63 4.11 -28.12
CA THR A 29 -10.39 2.68 -28.31
C THR A 29 -9.93 2.15 -26.98
N ILE A 30 -10.40 0.97 -26.63
CA ILE A 30 -10.11 0.33 -25.36
C ILE A 30 -9.28 -0.91 -25.65
N TYR A 31 -8.06 -0.94 -25.15
CA TYR A 31 -7.19 -2.10 -25.27
C TYR A 31 -7.21 -2.89 -23.97
N SER A 32 -6.92 -4.19 -24.09
CA SER A 32 -6.87 -5.10 -22.95
C SER A 32 -5.56 -5.86 -22.94
N SER A 33 -5.00 -6.03 -21.75
CA SER A 33 -3.92 -6.97 -21.54
C SER A 33 -4.13 -7.74 -20.24
N GLU A 34 -3.85 -9.03 -20.27
CA GLU A 34 -3.92 -9.87 -19.07
C GLU A 34 -2.60 -9.94 -18.33
N THR A 35 -1.52 -9.44 -18.94
CA THR A 35 -0.18 -9.46 -18.35
C THR A 35 0.49 -8.09 -18.43
N ILE A 36 1.53 -7.96 -17.62
CA ILE A 36 2.41 -6.79 -17.65
C ILE A 36 3.21 -6.72 -18.95
N ALA A 37 3.77 -7.85 -19.37
CA ALA A 37 4.57 -7.94 -20.59
C ALA A 37 3.83 -7.37 -21.78
N ASP A 38 2.59 -7.82 -21.97
CA ASP A 38 1.74 -7.31 -23.05
C ASP A 38 1.27 -5.88 -22.83
N ALA A 39 1.08 -5.48 -21.57
CA ALA A 39 0.80 -4.09 -21.24
C ALA A 39 1.94 -3.17 -21.71
N LYS A 40 3.19 -3.53 -21.41
CA LYS A 40 4.36 -2.75 -21.86
C LYS A 40 4.44 -2.62 -23.38
N LYS A 41 4.11 -3.69 -24.10
CA LYS A 41 4.14 -3.66 -25.58
C LYS A 41 3.10 -2.69 -26.13
N LEU A 42 1.89 -2.74 -25.57
CA LEU A 42 0.79 -1.87 -26.00
C LEU A 42 1.05 -0.39 -25.74
N LEU A 43 1.65 -0.07 -24.60
CA LEU A 43 2.04 1.31 -24.29
C LEU A 43 3.11 1.86 -25.24
N ALA A 44 4.01 0.98 -25.69
CA ALA A 44 5.03 1.32 -26.68
C ALA A 44 4.47 1.47 -28.10
N SER A 45 3.42 0.70 -28.44
CA SER A 45 2.85 0.64 -29.80
CA SER A 45 2.85 0.64 -29.80
C SER A 45 1.71 1.63 -30.04
N ARG A 46 0.94 1.94 -29.00
CA ARG A 46 -0.28 2.73 -29.14
C ARG A 46 -0.23 3.95 -28.27
N SER A 47 -1.12 4.90 -28.55
CA SER A 47 -1.23 6.12 -27.76
C SER A 47 -2.30 5.84 -26.71
N ILE A 48 -1.89 5.80 -25.46
CA ILE A 48 -2.78 5.52 -24.36
C ILE A 48 -2.76 6.62 -23.32
N GLN A 49 -3.93 7.10 -22.98
CA GLN A 49 -4.04 8.15 -22.00
C GLN A 49 -4.32 7.67 -20.58
N LEU A 50 -5.11 6.62 -20.43
CA LEU A 50 -5.44 6.09 -19.12
C LEU A 50 -5.39 4.59 -19.01
N VAL A 51 -4.85 4.12 -17.91
CA VAL A 51 -4.74 2.70 -17.62
C VAL A 51 -5.54 2.27 -16.40
N LEU A 52 -6.27 1.19 -16.50
CA LEU A 52 -6.99 0.66 -15.38
C LEU A 52 -6.10 -0.50 -15.00
N LEU A 53 -5.51 -0.46 -13.82
CA LEU A 53 -4.57 -1.47 -13.40
C LEU A 53 -4.88 -2.32 -12.19
N ASP A 54 -4.85 -3.63 -12.39
CA ASP A 54 -5.04 -4.62 -11.37
C ASP A 54 -3.68 -4.77 -10.74
N ILE A 55 -3.60 -5.30 -9.54
CA ILE A 55 -2.30 -5.53 -8.86
C ILE A 55 -1.79 -6.97 -9.04
N ARG A 56 -2.60 -7.97 -8.70
CA ARG A 56 -2.18 -9.37 -8.86
C ARG A 56 -2.41 -9.81 -10.30
N LEU A 57 -1.34 -9.86 -11.08
CA LEU A 57 -1.39 -10.41 -12.45
C LEU A 57 -0.68 -11.75 -12.44
N LYS A 58 -0.85 -12.49 -13.54
CA LYS A 58 -0.20 -13.80 -13.69
C LYS A 58 1.33 -13.65 -13.72
N ASP A 59 1.83 -12.73 -14.54
CA ASP A 59 3.29 -12.58 -14.74
C ASP A 59 4.00 -11.57 -13.82
N GLY A 60 3.30 -11.01 -12.83
CA GLY A 60 3.93 -10.09 -11.89
C GLY A 60 2.93 -9.19 -11.17
N ASN A 61 3.46 -8.13 -10.56
CA ASN A 61 2.72 -7.29 -9.65
C ASN A 61 2.52 -5.87 -10.22
N GLY A 62 1.29 -5.41 -10.22
CA GLY A 62 0.93 -4.10 -10.75
C GLY A 62 1.57 -2.88 -10.10
N ILE A 63 2.00 -2.99 -8.85
CA ILE A 63 2.72 -1.89 -8.18
C ILE A 63 4.14 -1.71 -8.75
N ASP A 64 4.83 -2.81 -9.02
CA ASP A 64 6.14 -2.76 -9.68
C ASP A 64 6.01 -2.13 -11.07
N PHE A 65 5.00 -2.57 -11.81
CA PHE A 65 4.70 -2.03 -13.13
C PHE A 65 4.44 -0.52 -13.07
N LEU A 66 3.62 -0.10 -12.12
CA LEU A 66 3.31 1.32 -11.96
C LEU A 66 4.55 2.12 -11.53
N THR A 67 5.36 1.52 -10.67
CA THR A 67 6.62 2.12 -10.26
CA THR A 67 6.63 2.12 -10.25
C THR A 67 7.58 2.31 -11.45
N ASP A 68 7.61 1.33 -12.35
CA ASP A 68 8.39 1.42 -13.60
C ASP A 68 7.85 2.50 -14.52
N LEU A 69 6.53 2.54 -14.66
CA LEU A 69 5.86 3.62 -15.39
C LEU A 69 6.30 5.01 -14.97
N ARG A 70 6.39 5.24 -13.66
CA ARG A 70 6.80 6.55 -13.15
C ARG A 70 8.30 6.79 -13.28
N ARG A 71 9.10 5.76 -13.05
CA ARG A 71 10.55 5.86 -13.24
C ARG A 71 10.88 6.37 -14.66
N THR A 72 10.19 5.82 -15.66
CA THR A 72 10.44 6.14 -17.06
C THR A 72 9.54 7.27 -17.62
N LYS A 73 8.88 8.02 -16.74
CA LYS A 73 8.08 9.19 -17.12
C LYS A 73 7.02 8.90 -18.19
N GLN A 74 6.42 7.71 -18.15
CA GLN A 74 5.41 7.37 -19.13
C GLN A 74 4.22 8.33 -19.01
N THR A 75 3.70 8.76 -20.16
CA THR A 75 2.63 9.77 -20.24
C THR A 75 1.24 9.10 -20.16
N VAL A 76 0.93 8.58 -18.97
CA VAL A 76 -0.39 8.01 -18.69
C VAL A 76 -0.83 8.32 -17.28
N ASP A 77 -2.12 8.34 -17.11
CA ASP A 77 -2.73 8.47 -15.84
C ASP A 77 -3.13 7.04 -15.46
N VAL A 78 -3.23 6.74 -14.18
CA VAL A 78 -3.58 5.40 -13.74
C VAL A 78 -4.63 5.33 -12.66
N ILE A 79 -5.50 4.34 -12.75
CA ILE A 79 -6.48 4.07 -11.73
C ILE A 79 -6.25 2.63 -11.34
N LEU A 80 -6.10 2.37 -10.06
CA LEU A 80 -5.91 1.03 -9.61
C LEU A 80 -7.24 0.43 -9.24
N ILE A 81 -7.55 -0.73 -9.79
CA ILE A 81 -8.78 -1.47 -9.50
C ILE A 81 -8.29 -2.82 -9.06
N THR A 82 -8.43 -3.13 -7.78
CA THR A 82 -7.86 -4.32 -7.25
C THR A 82 -8.51 -4.76 -5.95
N ALA A 83 -8.24 -5.99 -5.57
CA ALA A 83 -8.72 -6.58 -4.36
C ALA A 83 -7.79 -6.30 -3.21
N ALA A 84 -6.60 -5.84 -3.52
CA ALA A 84 -5.60 -5.60 -2.52
C ALA A 84 -5.90 -4.58 -1.45
N ASN A 85 -5.62 -4.95 -0.22
CA ASN A 85 -5.78 -4.09 0.93
C ASN A 85 -4.40 -3.61 1.35
N GLU A 86 -4.30 -2.88 2.43
CA GLU A 86 -3.03 -2.32 2.83
C GLU A 86 -1.96 -3.34 3.09
N VAL A 87 -2.29 -4.39 3.81
CA VAL A 87 -1.34 -5.41 4.10
C VAL A 87 -0.87 -6.14 2.85
N ASN A 88 -1.76 -6.32 1.89
CA ASN A 88 -1.40 -6.97 0.66
C ASN A 88 -0.34 -6.13 -0.05
N ILE A 89 -0.50 -4.83 -0.06
CA ILE A 89 0.49 -3.96 -0.68
C ILE A 89 1.82 -4.01 0.02
N VAL A 90 1.81 -3.86 1.32
CA VAL A 90 3.03 -3.87 2.13
C VAL A 90 3.80 -5.21 2.00
N ASN A 91 3.08 -6.32 2.08
CA ASN A 91 3.73 -7.65 2.11
C ASN A 91 3.87 -8.30 0.74
N ASP A 92 2.86 -8.23 -0.10
CA ASP A 92 2.89 -8.96 -1.39
C ASP A 92 3.42 -8.12 -2.56
N ALA A 93 3.28 -6.80 -2.49
CA ALA A 93 3.85 -5.92 -3.53
C ALA A 93 5.23 -5.42 -3.12
N LEU A 94 5.37 -4.95 -1.89
CA LEU A 94 6.64 -4.41 -1.41
C LEU A 94 7.60 -5.45 -0.82
N HIS A 95 7.04 -6.53 -0.31
CA HIS A 95 7.83 -7.57 0.32
C HIS A 95 8.45 -7.13 1.64
N LEU A 96 7.75 -6.30 2.38
CA LEU A 96 8.27 -5.79 3.64
C LEU A 96 8.04 -6.65 4.85
N GLY A 97 7.31 -7.73 4.70
CA GLY A 97 7.10 -8.68 5.75
C GLY A 97 6.64 -8.27 7.11
N VAL A 98 5.62 -7.46 7.22
CA VAL A 98 5.12 -7.06 8.51
C VAL A 98 4.25 -8.16 9.10
N ILE A 99 4.24 -8.24 10.41
CA ILE A 99 3.42 -9.18 11.13
C ILE A 99 1.95 -8.88 10.95
N ASP A 100 1.60 -7.60 11.01
CA ASP A 100 0.22 -7.16 10.89
C ASP A 100 0.10 -5.71 10.49
N TYR A 101 -1.08 -5.31 10.08
CA TYR A 101 -1.40 -3.94 9.74
C TYR A 101 -2.68 -3.55 10.46
N LEU A 102 -2.56 -2.68 11.46
CA LEU A 102 -3.72 -2.25 12.24
C LEU A 102 -4.16 -0.84 11.84
N ILE A 103 -5.41 -0.74 11.40
CA ILE A 103 -5.97 0.52 11.00
C ILE A 103 -6.48 1.22 12.26
N LYS A 104 -6.04 2.46 12.48
CA LYS A 104 -6.59 3.28 13.55
C LYS A 104 -7.99 3.75 13.12
N PRO A 105 -8.98 3.76 14.01
CA PRO A 105 -8.90 3.38 15.41
C PRO A 105 -8.99 1.88 15.59
N PHE A 106 -8.33 1.34 16.61
CA PHE A 106 -8.31 -0.08 16.85
C PHE A 106 -8.82 -0.35 18.26
N THR A 107 -9.35 -1.55 18.46
CA THR A 107 -9.82 -2.03 19.75
C THR A 107 -8.70 -2.83 20.42
N LEU A 108 -8.82 -3.07 21.70
CA LEU A 108 -7.84 -3.82 22.43
C LEU A 108 -7.79 -5.22 21.87
N GLU A 109 -8.95 -5.73 21.51
CA GLU A 109 -9.03 -7.04 20.97
C GLU A 109 -8.24 -7.12 19.69
N ARG A 110 -8.39 -6.14 18.82
CA ARG A 110 -7.65 -6.14 17.58
C ARG A 110 -6.17 -6.03 17.87
N PHE A 111 -5.82 -5.23 18.85
CA PHE A 111 -4.43 -5.06 19.19
C PHE A 111 -3.82 -6.37 19.66
N GLU A 112 -4.55 -7.11 20.50
CA GLU A 112 -4.10 -8.38 21.03
C GLU A 112 -3.89 -9.38 19.92
N LYS A 113 -4.80 -9.42 18.97
CA LYS A 113 -4.67 -10.26 17.77
C LYS A 113 -3.34 -10.06 17.07
N SER A 114 -2.94 -8.80 16.86
CA SER A 114 -1.66 -8.53 16.20
C SER A 114 -0.47 -9.07 17.01
N ILE A 115 -0.59 -9.06 18.33
CA ILE A 115 0.44 -9.61 19.22
C ILE A 115 0.46 -11.14 19.16
N GLN A 116 -0.72 -11.77 19.19
CA GLN A 116 -0.82 -13.22 18.96
C GLN A 116 -0.13 -13.62 17.67
N ARG A 117 -0.34 -12.86 16.60
CA ARG A 117 0.29 -13.15 15.31
C ARG A 117 1.82 -13.07 15.38
N TYR A 118 2.35 -12.13 16.17
CA TYR A 118 3.79 -12.07 16.42
C TYR A 118 4.29 -13.33 17.17
N ARG A 119 3.56 -13.71 18.21
CA ARG A 119 3.94 -14.87 19.04
C ARG A 119 3.90 -16.18 18.26
N THR A 120 2.83 -16.40 17.50
CA THR A 120 2.73 -17.59 16.66
C THR A 120 3.84 -17.63 15.60
N LYS A 121 4.26 -16.48 15.10
CA LYS A 121 5.41 -16.38 14.19
C LYS A 121 6.75 -16.75 14.87
N HIS A 122 6.82 -16.60 16.19
CA HIS A 122 8.01 -16.88 17.04
C HIS A 122 8.84 -15.61 17.20
N MET B 1 11.15 -11.25 27.67
CA MET B 1 12.24 -11.62 26.69
C MET B 1 12.25 -10.81 25.37
N THR B 2 11.11 -10.23 24.99
CA THR B 2 11.04 -9.37 23.81
C THR B 2 10.93 -7.88 24.19
N ASN B 3 11.81 -7.10 23.61
CA ASN B 3 11.84 -5.66 23.80
C ASN B 3 11.03 -5.07 22.65
N ILE B 4 10.41 -3.92 22.91
CA ILE B 4 9.57 -3.23 21.92
C ILE B 4 10.01 -1.79 21.72
N LEU B 5 9.98 -1.35 20.45
CA LEU B 5 10.09 0.05 20.08
C LEU B 5 8.77 0.54 19.49
N ILE B 6 8.22 1.60 20.08
CA ILE B 6 7.03 2.26 19.58
C ILE B 6 7.48 3.47 18.78
N VAL B 7 7.12 3.52 17.49
CA VAL B 7 7.45 4.67 16.64
C VAL B 7 6.13 5.34 16.21
N GLU B 8 5.84 6.47 16.84
CA GLU B 8 4.54 7.13 16.73
C GLU B 8 4.68 8.58 17.22
N ASP B 9 4.25 9.53 16.40
CA ASP B 9 4.41 10.96 16.74
C ASP B 9 3.41 11.50 17.78
N ASP B 10 2.26 10.86 17.90
CA ASP B 10 1.26 11.29 18.84
C ASP B 10 1.49 10.66 20.21
N PRO B 11 1.76 11.45 21.21
CA PRO B 11 2.01 10.95 22.56
C PRO B 11 0.84 10.21 23.18
N MET B 12 -0.39 10.58 22.88
CA MET B 12 -1.53 9.87 23.42
C MET B 12 -1.58 8.45 22.90
N VAL B 13 -1.31 8.30 21.59
CA VAL B 13 -1.31 6.99 20.95
C VAL B 13 -0.20 6.13 21.55
N GLN B 14 0.94 6.76 21.82
CA GLN B 14 2.05 6.05 22.40
C GLN B 14 1.65 5.51 23.75
N PHE B 15 0.94 6.33 24.50
CA PHE B 15 0.51 5.99 25.83
C PHE B 15 -0.40 4.79 25.81
N ILE B 16 -1.30 4.76 24.86
CA ILE B 16 -2.23 3.63 24.67
C ILE B 16 -1.54 2.35 24.26
N HIS B 17 -0.61 2.44 23.30
CA HIS B 17 0.18 1.27 22.91
C HIS B 17 0.89 0.70 24.13
N ARG B 18 1.49 1.59 24.90
CA ARG B 18 2.21 1.23 26.13
C ARG B 18 1.29 0.56 27.14
N ASN B 19 0.10 1.13 27.33
CA ASN B 19 -0.94 0.55 28.19
C ASN B 19 -1.31 -0.88 27.78
N TYR B 20 -1.54 -1.06 26.49
CA TYR B 20 -1.97 -2.35 25.94
C TYR B 20 -0.89 -3.42 26.04
N LEU B 21 0.36 -3.04 25.78
CA LEU B 21 1.49 -3.95 25.94
C LEU B 21 1.66 -4.39 27.39
N GLU B 22 1.43 -3.47 28.32
CA GLU B 22 1.49 -3.77 29.76
C GLU B 22 0.39 -4.70 30.21
N LYS B 23 -0.82 -4.49 29.68
CA LYS B 23 -1.95 -5.38 29.94
C LYS B 23 -1.66 -6.83 29.53
N ILE B 24 -1.11 -6.99 28.33
CA ILE B 24 -0.71 -8.30 27.84
C ILE B 24 0.47 -8.85 28.65
N GLY B 25 1.37 -7.95 29.04
CA GLY B 25 2.38 -8.22 30.06
C GLY B 25 3.47 -9.23 29.80
N THR B 26 3.79 -9.53 28.54
CA THR B 26 4.84 -10.51 28.22
C THR B 26 6.10 -9.89 27.60
N PHE B 27 6.33 -8.61 27.87
CA PHE B 27 7.44 -7.86 27.28
C PHE B 27 8.35 -7.26 28.34
N ASP B 28 9.58 -6.93 27.95
CA ASP B 28 10.60 -6.42 28.90
C ASP B 28 10.68 -4.89 28.98
N THR B 29 11.28 -4.28 27.97
CA THR B 29 11.62 -2.86 27.95
C THR B 29 10.88 -2.29 26.76
N ILE B 30 10.12 -1.24 26.99
CA ILE B 30 9.32 -0.62 25.97
C ILE B 30 9.86 0.78 25.71
N TYR B 31 10.52 0.93 24.56
CA TYR B 31 11.04 2.23 24.12
C TYR B 31 9.99 2.98 23.30
N SER B 32 10.15 4.30 23.26
CA SER B 32 9.31 5.20 22.49
C SER B 32 10.16 6.12 21.65
N SER B 33 9.70 6.40 20.45
CA SER B 33 10.27 7.45 19.63
C SER B 33 9.14 8.14 18.86
N GLU B 34 9.23 9.45 18.75
CA GLU B 34 8.27 10.24 17.99
C GLU B 34 8.73 10.46 16.58
N THR B 35 10.02 10.16 16.30
CA THR B 35 10.62 10.42 15.01
C THR B 35 11.39 9.21 14.50
N ILE B 36 11.60 9.19 13.19
CA ILE B 36 12.40 8.18 12.52
C ILE B 36 13.86 8.26 12.99
N ALA B 37 14.39 9.48 13.07
CA ALA B 37 15.79 9.71 13.52
C ALA B 37 16.06 9.11 14.90
N ASP B 38 15.18 9.39 15.86
CA ASP B 38 15.31 8.78 17.19
C ASP B 38 15.09 7.26 17.18
N ALA B 39 14.19 6.77 16.32
CA ALA B 39 14.00 5.33 16.15
C ALA B 39 15.27 4.62 15.65
N LYS B 40 15.92 5.21 14.65
CA LYS B 40 17.17 4.67 14.11
C LYS B 40 18.27 4.61 15.18
N LYS B 41 18.39 5.67 15.99
CA LYS B 41 19.32 5.70 17.11
C LYS B 41 19.07 4.61 18.15
N LEU B 42 17.79 4.39 18.49
CA LEU B 42 17.43 3.35 19.45
C LEU B 42 17.66 1.94 18.89
N LEU B 43 17.35 1.75 17.61
CA LEU B 43 17.65 0.49 16.93
C LEU B 43 19.15 0.17 16.84
N ALA B 44 19.97 1.21 16.71
CA ALA B 44 21.42 1.02 16.63
C ALA B 44 22.07 0.67 17.97
N SER B 45 21.42 1.06 19.07
CA SER B 45 22.02 1.04 20.40
C SER B 45 21.43 0.02 21.34
N ARG B 46 20.13 -0.25 21.23
CA ARG B 46 19.42 -1.08 22.21
C ARG B 46 18.97 -2.42 21.63
N SER B 47 18.65 -3.36 22.51
CA SER B 47 18.13 -4.65 22.09
C SER B 47 16.63 -4.51 21.87
N ILE B 48 16.18 -4.70 20.63
CA ILE B 48 14.77 -4.55 20.26
C ILE B 48 14.36 -5.67 19.30
N GLN B 49 13.30 -6.37 19.67
CA GLN B 49 12.78 -7.45 18.89
C GLN B 49 11.53 -7.14 18.08
N LEU B 50 10.73 -6.20 18.53
CA LEU B 50 9.52 -5.82 17.82
C LEU B 50 9.28 -4.33 17.76
N VAL B 51 8.82 -3.86 16.63
CA VAL B 51 8.52 -2.46 16.43
C VAL B 51 7.06 -2.21 16.09
N LEU B 52 6.43 -1.26 16.74
CA LEU B 52 5.07 -0.89 16.41
C LEU B 52 5.29 0.39 15.67
N LEU B 53 4.95 0.40 14.41
CA LEU B 53 5.22 1.50 13.55
C LEU B 53 4.10 2.28 12.89
N ASP B 54 4.13 3.58 13.08
CA ASP B 54 3.22 4.54 12.47
C ASP B 54 3.78 4.89 11.09
N ILE B 55 2.96 5.38 10.20
CA ILE B 55 3.41 5.79 8.86
C ILE B 55 3.71 7.31 8.76
N ARG B 56 2.74 8.17 9.04
CA ARG B 56 2.98 9.63 9.03
C ARG B 56 3.70 10.07 10.32
N LEU B 57 4.99 10.35 10.23
CA LEU B 57 5.75 10.97 11.34
C LEU B 57 6.11 12.38 10.90
N LYS B 58 6.61 13.21 11.81
CA LYS B 58 6.95 14.60 11.46
C LYS B 58 8.18 14.65 10.55
N ASP B 59 9.16 13.78 10.78
CA ASP B 59 10.41 13.80 9.99
C ASP B 59 10.47 12.79 8.84
N GLY B 60 9.35 12.18 8.47
CA GLY B 60 9.31 11.28 7.33
C GLY B 60 8.20 10.25 7.36
N ASN B 61 8.36 9.24 6.52
CA ASN B 61 7.34 8.22 6.30
C ASN B 61 7.81 6.86 6.78
N GLY B 62 6.97 6.20 7.59
CA GLY B 62 7.22 4.87 8.11
C GLY B 62 7.48 3.79 7.09
N ILE B 63 6.86 3.89 5.92
CA ILE B 63 7.11 2.94 4.87
C ILE B 63 8.54 3.05 4.38
N ASP B 64 9.07 4.26 4.24
CA ASP B 64 10.44 4.44 3.82
C ASP B 64 11.37 3.87 4.85
N PHE B 65 11.04 4.12 6.10
CA PHE B 65 11.81 3.63 7.21
C PHE B 65 11.80 2.12 7.23
N LEU B 66 10.63 1.55 6.99
CA LEU B 66 10.49 0.12 6.96
C LEU B 66 11.32 -0.46 5.84
N THR B 67 11.32 0.22 4.72
CA THR B 67 12.08 -0.21 3.59
C THR B 67 13.56 -0.19 3.96
N ASP B 68 14.02 0.81 4.70
CA ASP B 68 15.41 0.88 5.09
C ASP B 68 15.79 -0.28 6.00
N LEU B 69 14.98 -0.53 7.00
CA LEU B 69 15.15 -1.69 7.88
C LEU B 69 15.42 -2.99 7.12
N ARG B 70 14.61 -3.25 6.10
CA ARG B 70 14.74 -4.47 5.31
C ARG B 70 15.98 -4.45 4.44
N ARG B 71 16.25 -3.32 3.80
CA ARG B 71 17.52 -3.10 3.08
C ARG B 71 18.76 -3.42 3.92
N THR B 72 18.74 -3.02 5.19
CA THR B 72 19.88 -3.20 6.09
C THR B 72 19.85 -4.53 6.85
N LYS B 73 18.84 -5.36 6.59
CA LYS B 73 18.67 -6.68 7.21
C LYS B 73 18.60 -6.65 8.73
N GLN B 74 18.01 -5.59 9.27
CA GLN B 74 17.79 -5.45 10.71
C GLN B 74 16.97 -6.64 11.21
N THR B 75 17.47 -7.34 12.22
CA THR B 75 16.75 -8.49 12.78
C THR B 75 15.66 -7.99 13.72
N VAL B 76 14.51 -7.65 13.15
CA VAL B 76 13.40 -7.09 13.92
C VAL B 76 12.06 -7.30 13.22
N ASP B 77 11.03 -7.56 14.01
CA ASP B 77 9.70 -7.74 13.50
C ASP B 77 8.90 -6.44 13.62
N VAL B 78 8.00 -6.23 12.69
CA VAL B 78 7.23 -5.02 12.64
C VAL B 78 5.74 -5.17 12.50
N ILE B 79 5.01 -4.35 13.23
CA ILE B 79 3.60 -4.29 13.15
C ILE B 79 3.28 -2.84 12.82
N LEU B 80 2.50 -2.62 11.79
CA LEU B 80 2.13 -1.28 11.41
C LEU B 80 0.82 -0.88 12.04
N ILE B 81 0.77 0.26 12.72
CA ILE B 81 -0.44 0.78 13.34
C ILE B 81 -0.57 2.19 12.83
N THR B 82 -1.56 2.41 11.98
CA THR B 82 -1.67 3.65 11.30
C THR B 82 -3.02 4.00 10.76
N ALA B 83 -3.19 5.23 10.37
CA ALA B 83 -4.41 5.67 9.79
C ALA B 83 -4.40 5.54 8.27
N ALA B 84 -3.26 5.21 7.70
CA ALA B 84 -3.16 5.10 6.27
C ALA B 84 -3.94 3.99 5.59
N ASN B 85 -4.63 4.34 4.53
CA ASN B 85 -5.37 3.42 3.71
C ASN B 85 -4.54 3.14 2.46
N GLU B 86 -5.06 2.36 1.54
CA GLU B 86 -4.31 1.98 0.37
C GLU B 86 -3.84 3.12 -0.48
N VAL B 87 -4.72 4.07 -0.74
CA VAL B 87 -4.38 5.21 -1.54
C VAL B 87 -3.31 6.07 -0.85
N ASN B 88 -3.39 6.15 0.46
CA ASN B 88 -2.44 6.87 1.23
C ASN B 88 -1.07 6.25 1.03
N ILE B 89 -0.99 4.93 1.00
CA ILE B 89 0.27 4.27 0.75
C ILE B 89 0.78 4.47 -0.67
N VAL B 90 -0.09 4.29 -1.64
CA VAL B 90 0.30 4.36 -3.04
C VAL B 90 0.76 5.78 -3.43
N ASN B 91 0.02 6.80 -2.98
CA ASN B 91 0.30 8.19 -3.36
C ASN B 91 1.18 8.94 -2.37
N ASP B 92 0.91 8.82 -1.07
CA ASP B 92 1.68 9.60 -0.07
C ASP B 92 2.98 8.93 0.37
N ALA B 93 3.03 7.60 0.44
CA ALA B 93 4.30 6.92 0.79
C ALA B 93 5.12 6.65 -0.46
N LEU B 94 4.50 6.02 -1.47
CA LEU B 94 5.22 5.67 -2.70
C LEU B 94 5.40 6.80 -3.71
N HIS B 95 4.47 7.74 -3.72
CA HIS B 95 4.48 8.85 -4.66
C HIS B 95 4.18 8.42 -6.09
N LEU B 96 3.22 7.55 -6.26
CA LEU B 96 2.87 7.04 -7.56
C LEU B 96 1.78 7.77 -8.32
N GLY B 97 1.18 8.75 -7.70
CA GLY B 97 0.20 9.55 -8.36
C GLY B 97 -0.96 8.94 -9.08
N VAL B 98 -1.61 7.95 -8.49
CA VAL B 98 -2.76 7.37 -9.13
C VAL B 98 -3.95 8.27 -8.97
N ILE B 99 -4.81 8.24 -9.95
CA ILE B 99 -6.02 9.02 -9.92
C ILE B 99 -6.97 8.57 -8.83
N ASP B 100 -7.10 7.28 -8.65
CA ASP B 100 -8.02 6.72 -7.68
C ASP B 100 -7.62 5.30 -7.37
N TYR B 101 -8.19 4.75 -6.31
CA TYR B 101 -7.95 3.39 -5.94
C TYR B 101 -9.27 2.73 -5.67
N LEU B 102 -9.71 1.84 -6.54
CA LEU B 102 -10.98 1.13 -6.40
C LEU B 102 -10.76 -0.24 -5.84
N ILE B 103 -11.37 -0.50 -4.70
CA ILE B 103 -11.31 -1.80 -4.07
C ILE B 103 -12.42 -2.65 -4.70
N LYS B 104 -12.07 -3.85 -5.16
CA LYS B 104 -13.06 -4.82 -5.59
C LYS B 104 -13.74 -5.38 -4.34
N PRO B 105 -15.07 -5.53 -4.31
CA PRO B 105 -16.00 -5.24 -5.41
C PRO B 105 -16.43 -3.77 -5.43
N PHE B 106 -16.79 -3.29 -6.61
CA PHE B 106 -17.19 -1.89 -6.78
C PHE B 106 -18.54 -1.83 -7.48
N THR B 107 -19.21 -0.72 -7.33
CA THR B 107 -20.46 -0.48 -7.97
C THR B 107 -20.22 0.32 -9.23
N LEU B 108 -21.23 0.39 -10.07
CA LEU B 108 -21.10 1.15 -11.28
C LEU B 108 -20.88 2.60 -10.90
N GLU B 109 -21.57 3.02 -9.87
CA GLU B 109 -21.44 4.40 -9.42
C GLU B 109 -20.04 4.76 -8.98
N ARG B 110 -19.40 3.88 -8.23
CA ARG B 110 -18.05 4.11 -7.77
C ARG B 110 -17.08 4.15 -8.92
N PHE B 111 -17.33 3.32 -9.91
CA PHE B 111 -16.49 3.25 -11.09
C PHE B 111 -16.55 4.56 -11.83
N GLU B 112 -17.75 5.10 -11.94
CA GLU B 112 -17.99 6.37 -12.62
C GLU B 112 -17.27 7.47 -11.87
N LYS B 113 -17.34 7.44 -10.57
CA LYS B 113 -16.64 8.41 -9.72
C LYS B 113 -15.15 8.47 -10.06
N SER B 114 -14.50 7.31 -10.23
CA SER B 114 -13.08 7.29 -10.55
C SER B 114 -12.77 7.88 -11.94
N ILE B 115 -13.68 7.65 -12.88
CA ILE B 115 -13.57 8.24 -14.21
C ILE B 115 -13.78 9.75 -14.16
N GLN B 116 -14.76 10.21 -13.39
CA GLN B 116 -14.95 11.66 -13.18
C GLN B 116 -13.67 12.30 -12.65
N ARG B 117 -13.04 11.63 -11.68
CA ARG B 117 -11.76 12.09 -11.12
C ARG B 117 -10.67 12.24 -12.17
N TYR B 118 -10.65 11.34 -13.15
CA TYR B 118 -9.75 11.49 -14.30
C TYR B 118 -10.10 12.71 -15.17
N ARG B 119 -11.39 12.86 -15.47
CA ARG B 119 -11.87 13.98 -16.29
C ARG B 119 -11.61 15.32 -15.63
N THR B 120 -11.96 15.44 -14.35
CA THR B 120 -11.79 16.69 -13.63
C THR B 120 -10.33 17.11 -13.42
N LYS B 121 -9.39 16.16 -13.55
CA LYS B 121 -7.97 16.51 -13.58
C LYS B 121 -7.43 16.83 -15.00
N HIS B 122 -8.31 16.84 -16.01
CA HIS B 122 -7.98 17.16 -17.41
C HIS B 122 -7.11 16.08 -18.04
BE BEF C . -6.13 -7.93 -8.54
F1 BEF C . -5.87 -9.36 -8.88
F2 BEF C . -7.53 -7.89 -8.00
F3 BEF C . -5.13 -7.21 -7.69
MG MG D . -5.57 -10.14 -10.64
BE BEF E . 0.02 7.52 11.25
F1 BEF E . 0.29 8.97 11.49
F2 BEF E . -1.33 7.12 11.78
F3 BEF E . 0.19 7.00 9.87
MG MG F . 1.53 9.90 12.71
#